data_1WNL
#
_entry.id   1WNL
#
_cell.length_a   38.204
_cell.length_b   82.850
_cell.length_c   72.572
_cell.angle_alpha   90.00
_cell.angle_beta   103.71
_cell.angle_gamma   90.00
#
_symmetry.space_group_name_H-M   'P 1 21 1'
#
loop_
_entity.id
_entity.type
_entity.pdbx_description
1 polymer 'biotin--[acetyl-CoA-carboxylase] ligase'
2 non-polymer "ADENOSINE-5'-DIPHOSPHATE"
3 non-polymer GLYCEROL
4 water water
#
_entity_poly.entity_id   1
_entity_poly.type   'polypeptide(L)'
_entity_poly.pdbx_seq_one_letter_code
;MLGLKTSIIGRRVIYFQEITSTNEFAKTSYLEEGTVIVADKQTMGHGRLNRKWESPEGGLWLSIVLSPKVPQKDLPKIVF
LGAVGVVETLKEFSIDGRIKWPNDVLVNYKKIAGVLVEGKGDKIVLGIGLNVNNKVPNGATSMKLELGSEVPLLSVFRSL
ITNLDRLYLNFLKNPMDILNLVRDNMILGVRVKILGDGSFEGIAEDIDDFGRLIIRLDSGEVKKVIYGDVSLRFL
;
_entity_poly.pdbx_strand_id   A,B
#
loop_
_chem_comp.id
_chem_comp.type
_chem_comp.name
_chem_comp.formula
ADP non-polymer ADENOSINE-5'-DIPHOSPHATE 'C10 H15 N5 O10 P2'
GOL non-polymer GLYCEROL 'C3 H8 O3'
#
# COMPACT_ATOMS: atom_id res chain seq x y z
N MET A 1 -2.18 7.45 -0.95
N MET A 1 -2.09 7.29 -0.77
CA MET A 1 -1.26 8.27 -0.11
CA MET A 1 -1.21 8.20 -0.01
C MET A 1 0.19 8.11 -0.55
C MET A 1 0.21 8.11 -0.55
N LEU A 2 0.47 7.05 -1.31
CA LEU A 2 1.80 6.80 -1.85
C LEU A 2 2.16 7.73 -3.01
N GLY A 3 1.13 8.26 -3.67
CA GLY A 3 1.36 9.17 -4.79
C GLY A 3 2.19 8.63 -5.94
N LEU A 4 1.96 7.38 -6.32
CA LEU A 4 2.70 6.80 -7.44
C LEU A 4 2.18 7.45 -8.72
N LYS A 5 3.08 7.68 -9.68
CA LYS A 5 2.70 8.32 -10.94
C LYS A 5 2.86 7.43 -12.16
N THR A 6 3.04 6.13 -11.93
CA THR A 6 3.21 5.16 -13.00
C THR A 6 1.95 4.97 -13.85
N SER A 7 2.12 4.45 -15.06
CA SER A 7 1.01 4.23 -15.98
C SER A 7 0.24 2.94 -15.73
N ILE A 8 0.97 1.85 -15.56
CA ILE A 8 0.33 0.55 -15.32
C ILE A 8 0.79 -0.10 -14.03
N ILE A 9 2.09 -0.34 -13.91
CA ILE A 9 2.61 -0.99 -12.73
C ILE A 9 2.54 -0.07 -11.52
N GLY A 10 1.71 -0.46 -10.55
CA GLY A 10 1.56 0.35 -9.36
C GLY A 10 0.25 1.13 -9.33
N ARG A 11 -0.66 0.85 -10.27
CA ARG A 11 -1.96 1.54 -10.28
C ARG A 11 -2.62 1.23 -8.94
N ARG A 12 -2.37 0.03 -8.45
CA ARG A 12 -2.88 -0.42 -7.17
C ARG A 12 -1.75 -1.20 -6.52
N VAL A 13 -1.70 -1.14 -5.19
CA VAL A 13 -0.68 -1.86 -4.43
C VAL A 13 -1.36 -2.49 -3.23
N ILE A 14 -1.16 -3.78 -3.04
CA ILE A 14 -1.73 -4.45 -1.88
C ILE A 14 -0.56 -4.82 -0.98
N TYR A 15 -0.53 -4.19 0.19
CA TYR A 15 0.52 -4.41 1.18
C TYR A 15 0.09 -5.35 2.30
N PHE A 16 0.99 -6.27 2.66
CA PHE A 16 0.74 -7.24 3.73
C PHE A 16 1.85 -7.18 4.78
N GLN A 17 1.46 -7.24 6.05
CA GLN A 17 2.46 -7.28 7.10
C GLN A 17 3.14 -8.64 6.94
N GLU A 18 2.35 -9.65 6.56
CA GLU A 18 2.86 -11.00 6.38
C GLU A 18 2.03 -11.76 5.36
N ILE A 19 2.67 -12.63 4.58
CA ILE A 19 1.97 -13.41 3.56
C ILE A 19 2.74 -14.69 3.32
N THR A 20 2.06 -15.71 2.79
CA THR A 20 2.74 -16.97 2.49
C THR A 20 3.69 -16.74 1.32
N SER A 21 3.14 -16.20 0.25
CA SER A 21 3.90 -15.94 -0.96
C SER A 21 3.21 -14.87 -1.79
N THR A 22 3.94 -13.83 -2.18
CA THR A 22 3.34 -12.77 -2.99
C THR A 22 2.97 -13.33 -4.36
N ASN A 23 3.78 -14.25 -4.89
CA ASN A 23 3.48 -14.82 -6.21
C ASN A 23 2.22 -15.68 -6.15
N GLU A 24 2.08 -16.48 -5.10
CA GLU A 24 0.89 -17.32 -4.99
C GLU A 24 -0.37 -16.47 -4.84
N PHE A 25 -0.29 -15.41 -4.02
CA PHE A 25 -1.46 -14.55 -3.85
C PHE A 25 -1.82 -13.88 -5.18
N ALA A 26 -0.81 -13.46 -5.93
CA ALA A 26 -1.04 -12.81 -7.21
C ALA A 26 -1.62 -13.74 -8.26
N LYS A 27 -1.13 -14.98 -8.28
CA LYS A 27 -1.60 -15.98 -9.23
C LYS A 27 -3.04 -16.41 -8.96
N THR A 28 -3.35 -16.58 -7.67
CA THR A 28 -4.66 -17.04 -7.22
C THR A 28 -5.80 -16.02 -7.21
N SER A 29 -5.49 -14.79 -6.81
CA SER A 29 -6.48 -13.74 -6.70
C SER A 29 -6.90 -13.06 -7.99
N TYR A 30 -8.11 -12.50 -7.97
CA TYR A 30 -8.63 -11.77 -9.12
C TYR A 30 -8.10 -10.35 -8.97
N LEU A 31 -7.11 -10.02 -9.78
CA LEU A 31 -6.46 -8.72 -9.72
C LEU A 31 -6.31 -8.05 -11.09
N GLU A 32 -6.33 -6.72 -11.09
CA GLU A 32 -6.20 -5.93 -12.32
C GLU A 32 -4.75 -5.87 -12.75
N GLU A 33 -4.51 -5.69 -14.05
CA GLU A 33 -3.14 -5.60 -14.54
C GLU A 33 -2.44 -4.42 -13.86
N GLY A 34 -1.17 -4.62 -13.49
CA GLY A 34 -0.41 -3.56 -12.86
C GLY A 34 -0.48 -3.57 -11.35
N THR A 35 -1.34 -4.41 -10.79
CA THR A 35 -1.45 -4.47 -9.34
C THR A 35 -0.20 -5.11 -8.75
N VAL A 36 0.33 -4.47 -7.71
CA VAL A 36 1.54 -4.94 -7.05
C VAL A 36 1.18 -5.53 -5.70
N ILE A 37 1.72 -6.70 -5.40
CA ILE A 37 1.50 -7.37 -4.13
C ILE A 37 2.84 -7.29 -3.42
N VAL A 38 2.86 -6.67 -2.25
CA VAL A 38 4.11 -6.53 -1.50
C VAL A 38 3.91 -6.86 -0.03
N ALA A 39 4.89 -7.53 0.57
CA ALA A 39 4.78 -7.94 1.98
C ALA A 39 6.07 -7.72 2.75
N ASP A 40 5.94 -7.43 4.05
CA ASP A 40 7.12 -7.23 4.90
C ASP A 40 7.93 -8.51 4.95
N LYS A 41 7.24 -9.64 4.92
CA LYS A 41 7.91 -10.93 4.94
C LYS A 41 7.03 -12.01 4.34
N GLN A 42 7.67 -13.01 3.75
CA GLN A 42 6.96 -14.14 3.15
C GLN A 42 7.34 -15.34 3.99
N THR A 43 6.36 -16.16 4.32
CA THR A 43 6.64 -17.33 5.12
C THR A 43 6.91 -18.57 4.28
N MET A 44 6.46 -18.56 3.02
CA MET A 44 6.64 -19.70 2.14
C MET A 44 7.07 -19.36 0.72
N GLY A 45 7.99 -18.42 0.57
CA GLY A 45 8.43 -18.07 -0.76
C GLY A 45 9.44 -19.05 -1.33
N HIS A 46 9.64 -19.00 -2.64
CA HIS A 46 10.61 -19.88 -3.30
C HIS A 46 11.11 -19.23 -4.59
N GLY A 47 12.24 -19.72 -5.08
CA GLY A 47 12.82 -19.17 -6.30
C GLY A 47 12.40 -19.83 -7.60
N ARG A 48 13.07 -19.42 -8.68
CA ARG A 48 12.80 -19.91 -10.03
C ARG A 48 12.83 -21.43 -10.17
N LEU A 49 13.62 -22.10 -9.35
CA LEU A 49 13.71 -23.54 -9.40
C LEU A 49 12.99 -24.19 -8.22
N ASN A 50 11.93 -23.54 -7.78
CA ASN A 50 11.10 -24.01 -6.66
C ASN A 50 11.88 -24.37 -5.40
N ARG A 51 13.02 -23.72 -5.21
CA ARG A 51 13.84 -23.96 -4.03
C ARG A 51 13.53 -22.87 -3.01
N LYS A 52 13.36 -23.25 -1.75
CA LYS A 52 13.03 -22.30 -0.70
C LYS A 52 13.78 -20.98 -0.76
N TRP A 53 13.04 -19.90 -0.57
CA TRP A 53 13.59 -18.55 -0.60
C TRP A 53 13.36 -17.92 0.77
N GLU A 54 14.41 -17.34 1.34
CA GLU A 54 14.30 -16.68 2.64
C GLU A 54 13.80 -15.26 2.45
N SER A 55 12.67 -14.94 3.08
CA SER A 55 12.06 -13.61 2.95
C SER A 55 11.78 -12.94 4.29
N PRO A 56 12.82 -12.69 5.09
CA PRO A 56 12.59 -12.06 6.39
C PRO A 56 12.36 -10.56 6.24
N GLU A 57 11.91 -9.93 7.31
CA GLU A 57 11.65 -8.50 7.31
C GLU A 57 12.92 -7.74 6.98
N GLY A 58 12.77 -6.67 6.20
CA GLY A 58 13.91 -5.86 5.79
C GLY A 58 14.15 -5.93 4.29
N GLY A 59 13.60 -6.95 3.63
CA GLY A 59 13.78 -7.08 2.20
C GLY A 59 12.57 -6.60 1.42
N LEU A 60 12.69 -6.57 0.09
CA LEU A 60 11.60 -6.14 -0.79
C LEU A 60 11.08 -7.40 -1.49
N TRP A 61 9.90 -7.84 -1.06
CA TRP A 61 9.27 -9.04 -1.58
C TRP A 61 7.97 -8.62 -2.26
N LEU A 62 7.94 -8.69 -3.59
CA LEU A 62 6.75 -8.27 -4.30
C LEU A 62 6.48 -9.06 -5.57
N SER A 63 5.25 -8.94 -6.07
CA SER A 63 4.85 -9.60 -7.29
C SER A 63 3.97 -8.61 -8.04
N ILE A 64 4.02 -8.68 -9.36
CA ILE A 64 3.24 -7.78 -10.20
C ILE A 64 2.40 -8.58 -11.18
N VAL A 65 1.11 -8.23 -11.27
CA VAL A 65 0.20 -8.88 -12.18
C VAL A 65 0.32 -8.21 -13.54
N LEU A 66 0.63 -8.99 -14.57
CA LEU A 66 0.78 -8.45 -15.90
C LEU A 66 -0.08 -9.25 -16.87
N SER A 67 -0.54 -8.60 -17.94
CA SER A 67 -1.35 -9.26 -18.95
C SER A 67 -0.81 -8.74 -20.28
N PRO A 68 0.46 -9.06 -20.56
CA PRO A 68 1.11 -8.63 -21.81
C PRO A 68 0.55 -9.41 -22.98
N LYS A 69 0.00 -8.69 -23.95
CA LYS A 69 -0.56 -9.34 -25.12
C LYS A 69 0.33 -9.08 -26.31
N VAL A 70 1.53 -9.65 -26.26
CA VAL A 70 2.51 -9.51 -27.34
C VAL A 70 2.58 -10.85 -28.05
N PRO A 71 3.20 -10.88 -29.24
CA PRO A 71 3.32 -12.14 -29.98
C PRO A 71 3.89 -13.25 -29.11
N GLN A 72 3.33 -14.45 -29.23
CA GLN A 72 3.78 -15.59 -28.46
C GLN A 72 5.29 -15.77 -28.51
N LYS A 73 5.90 -15.32 -29.62
CA LYS A 73 7.34 -15.44 -29.80
C LYS A 73 8.14 -14.56 -28.84
N ASP A 74 7.64 -13.36 -28.56
CA ASP A 74 8.32 -12.42 -27.68
C ASP A 74 7.91 -12.51 -26.22
N LEU A 75 6.82 -13.20 -25.94
CA LEU A 75 6.32 -13.34 -24.57
C LEU A 75 7.37 -13.81 -23.57
N PRO A 76 8.14 -14.86 -23.91
CA PRO A 76 9.18 -15.39 -23.02
C PRO A 76 10.21 -14.39 -22.50
N LYS A 77 10.34 -13.24 -23.16
CA LYS A 77 11.30 -12.23 -22.72
C LYS A 77 10.89 -11.50 -21.46
N ILE A 78 9.65 -11.68 -21.03
CA ILE A 78 9.12 -11.05 -19.83
C ILE A 78 10.02 -11.33 -18.64
N VAL A 79 10.62 -12.52 -18.65
CA VAL A 79 11.49 -12.94 -17.56
C VAL A 79 12.63 -11.99 -17.24
N PHE A 80 13.11 -11.26 -18.26
CA PHE A 80 14.22 -10.32 -18.08
C PHE A 80 13.85 -8.93 -17.57
N LEU A 81 12.59 -8.55 -17.71
CA LEU A 81 12.16 -7.24 -17.27
C LEU A 81 12.47 -6.98 -15.80
N GLY A 82 12.18 -7.98 -14.96
CA GLY A 82 12.42 -7.83 -13.54
C GLY A 82 13.89 -7.69 -13.20
N ALA A 83 14.73 -8.50 -13.84
CA ALA A 83 16.17 -8.43 -13.58
C ALA A 83 16.73 -7.07 -13.98
N VAL A 84 16.33 -6.56 -15.14
CA VAL A 84 16.82 -5.26 -15.59
C VAL A 84 16.33 -4.13 -14.67
N GLY A 85 15.06 -4.21 -14.26
CA GLY A 85 14.52 -3.20 -13.38
C GLY A 85 15.31 -3.13 -12.09
N VAL A 86 15.65 -4.31 -11.55
CA VAL A 86 16.43 -4.39 -10.32
C VAL A 86 17.82 -3.79 -10.54
N VAL A 87 18.47 -4.16 -11.64
CA VAL A 87 19.79 -3.60 -11.92
C VAL A 87 19.76 -2.07 -11.97
N GLU A 88 18.77 -1.52 -12.66
CA GLU A 88 18.66 -0.07 -12.77
C GLU A 88 18.47 0.58 -11.40
N THR A 89 17.65 -0.02 -10.55
CA THR A 89 17.43 0.52 -9.22
C THR A 89 18.71 0.44 -8.40
N LEU A 90 19.43 -0.67 -8.52
CA LEU A 90 20.67 -0.83 -7.79
C LEU A 90 21.67 0.24 -8.24
N LYS A 91 21.71 0.52 -9.54
CA LYS A 91 22.63 1.52 -10.05
C LYS A 91 22.28 2.90 -9.50
N GLU A 92 20.99 3.14 -9.32
CA GLU A 92 20.53 4.42 -8.77
C GLU A 92 21.06 4.58 -7.34
N PHE A 93 21.26 3.45 -6.66
CA PHE A 93 21.78 3.46 -5.29
C PHE A 93 23.28 3.18 -5.27
N SER A 94 23.91 3.27 -6.44
CA SER A 94 25.35 3.06 -6.62
C SER A 94 25.85 1.67 -6.24
N ILE A 95 25.05 0.66 -6.53
CA ILE A 95 25.40 -0.73 -6.27
C ILE A 95 25.53 -1.39 -7.63
N ASP A 96 26.63 -2.10 -7.84
CA ASP A 96 26.90 -2.75 -9.11
C ASP A 96 26.21 -4.10 -9.32
N GLY A 97 24.91 -4.06 -9.60
CA GLY A 97 24.18 -5.28 -9.85
C GLY A 97 24.42 -5.78 -11.26
N ARG A 98 24.64 -7.09 -11.40
CA ARG A 98 24.88 -7.69 -12.71
C ARG A 98 23.97 -8.91 -12.84
N ILE A 99 23.48 -9.14 -14.05
CA ILE A 99 22.58 -10.26 -14.26
C ILE A 99 23.21 -11.61 -14.52
N LYS A 100 22.78 -12.59 -13.74
CA LYS A 100 23.23 -13.96 -13.90
C LYS A 100 22.07 -14.60 -14.63
N TRP A 101 22.30 -15.02 -15.88
CA TRP A 101 21.26 -15.63 -16.69
C TRP A 101 20.55 -16.74 -15.91
N PRO A 102 19.21 -16.78 -15.99
CA PRO A 102 18.41 -15.83 -16.76
C PRO A 102 17.76 -14.72 -15.96
N ASN A 103 17.49 -14.99 -14.68
CA ASN A 103 16.78 -14.02 -13.85
C ASN A 103 17.41 -13.49 -12.57
N ASP A 104 18.61 -13.95 -12.22
CA ASP A 104 19.23 -13.51 -10.99
C ASP A 104 20.07 -12.25 -11.11
N VAL A 105 20.22 -11.54 -10.00
CA VAL A 105 21.04 -10.34 -9.98
C VAL A 105 22.09 -10.54 -8.89
N LEU A 106 23.36 -10.41 -9.26
CA LEU A 106 24.43 -10.59 -8.29
C LEU A 106 25.22 -9.30 -8.09
N VAL A 107 25.97 -9.24 -7.00
CA VAL A 107 26.85 -8.12 -6.72
C VAL A 107 28.10 -8.84 -6.22
N ASN A 108 29.18 -8.74 -6.99
CA ASN A 108 30.42 -9.42 -6.66
C ASN A 108 30.16 -10.93 -6.56
N TYR A 109 29.35 -11.43 -7.48
CA TYR A 109 28.99 -12.84 -7.57
C TYR A 109 28.16 -13.40 -6.42
N LYS A 110 27.56 -12.52 -5.63
CA LYS A 110 26.71 -12.95 -4.52
C LYS A 110 25.30 -12.50 -4.87
N LYS A 111 24.33 -13.42 -4.78
CA LYS A 111 22.95 -13.10 -5.14
C LYS A 111 22.29 -12.05 -4.25
N ILE A 112 21.83 -10.97 -4.87
CA ILE A 112 21.17 -9.89 -4.14
C ILE A 112 19.67 -9.86 -4.47
N ALA A 113 19.31 -10.50 -5.57
CA ALA A 113 17.90 -10.54 -5.98
C ALA A 113 17.59 -11.73 -6.89
N GLY A 114 16.35 -12.20 -6.80
CA GLY A 114 15.89 -13.31 -7.62
C GLY A 114 14.57 -12.91 -8.26
N VAL A 115 14.32 -13.39 -9.46
CA VAL A 115 13.10 -13.09 -10.21
C VAL A 115 12.37 -14.40 -10.51
N LEU A 116 11.08 -14.42 -10.21
CA LEU A 116 10.24 -15.60 -10.42
C LEU A 116 9.02 -15.24 -11.28
N VAL A 117 9.02 -15.69 -12.52
CA VAL A 117 7.92 -15.40 -13.42
C VAL A 117 7.07 -16.64 -13.63
N GLU A 118 5.78 -16.50 -13.41
CA GLU A 118 4.85 -17.61 -13.58
C GLU A 118 3.68 -17.15 -14.44
N GLY A 119 3.34 -17.93 -15.46
CA GLY A 119 2.26 -17.54 -16.32
C GLY A 119 1.23 -18.62 -16.59
N LYS A 120 -0.03 -18.20 -16.60
CA LYS A 120 -1.13 -19.10 -16.87
C LYS A 120 -2.07 -18.36 -17.82
N GLY A 121 -1.97 -18.70 -19.11
CA GLY A 121 -2.80 -18.06 -20.10
C GLY A 121 -2.36 -16.63 -20.32
N ASP A 122 -3.32 -15.71 -20.21
CA ASP A 122 -3.09 -14.30 -20.41
C ASP A 122 -2.36 -13.67 -19.23
N LYS A 123 -2.61 -14.22 -18.04
CA LYS A 123 -2.04 -13.70 -16.80
C LYS A 123 -0.61 -14.15 -16.48
N ILE A 124 0.27 -13.16 -16.36
CA ILE A 124 1.68 -13.42 -16.04
C ILE A 124 2.00 -12.72 -14.72
N VAL A 125 2.57 -13.45 -13.77
CA VAL A 125 2.94 -12.86 -12.49
C VAL A 125 4.45 -12.74 -12.46
N LEU A 126 4.93 -11.51 -12.23
CA LEU A 126 6.36 -11.24 -12.16
C LEU A 126 6.73 -11.01 -10.70
N GLY A 127 7.44 -11.99 -10.13
CA GLY A 127 7.85 -11.90 -8.75
C GLY A 127 9.29 -11.47 -8.61
N ILE A 128 9.57 -10.63 -7.62
CA ILE A 128 10.92 -10.15 -7.36
C ILE A 128 11.20 -10.18 -5.87
N GLY A 129 12.37 -10.69 -5.52
CA GLY A 129 12.80 -10.74 -4.14
C GLY A 129 14.15 -10.04 -4.12
N LEU A 130 14.22 -8.89 -3.46
CA LEU A 130 15.45 -8.11 -3.38
C LEU A 130 15.88 -7.92 -1.94
N ASN A 131 17.10 -8.34 -1.63
CA ASN A 131 17.61 -8.20 -0.27
C ASN A 131 18.02 -6.74 -0.06
N VAL A 132 17.40 -6.09 0.90
CA VAL A 132 17.70 -4.70 1.19
C VAL A 132 18.38 -4.59 2.56
N ASN A 133 17.60 -4.65 3.64
CA ASN A 133 18.15 -4.52 5.00
C ASN A 133 18.08 -5.82 5.79
N ASN A 134 17.52 -6.87 5.19
CA ASN A 134 17.37 -8.14 5.86
C ASN A 134 18.63 -8.98 5.94
N LYS A 135 18.63 -9.95 6.86
CA LYS A 135 19.75 -10.87 6.98
C LYS A 135 19.56 -11.77 5.77
N VAL A 136 20.65 -12.31 5.24
CA VAL A 136 20.58 -13.16 4.07
C VAL A 136 21.29 -14.49 4.27
N PRO A 137 21.00 -15.49 3.41
CA PRO A 137 21.66 -16.79 3.56
C PRO A 137 23.15 -16.61 3.28
N ASN A 138 23.97 -17.47 3.86
CA ASN A 138 25.41 -17.38 3.66
C ASN A 138 25.69 -17.37 2.16
N GLY A 139 26.58 -16.49 1.73
CA GLY A 139 26.92 -16.40 0.32
C GLY A 139 26.15 -15.36 -0.46
N ALA A 140 24.95 -15.01 0.01
CA ALA A 140 24.14 -14.01 -0.66
C ALA A 140 24.55 -12.64 -0.14
N THR A 141 23.91 -11.58 -0.64
CA THR A 141 24.25 -10.25 -0.18
C THR A 141 23.01 -9.35 -0.20
N SER A 142 23.16 -8.13 0.29
CA SER A 142 22.04 -7.19 0.36
C SER A 142 22.50 -5.77 0.08
N MET A 143 21.55 -4.87 -0.11
CA MET A 143 21.88 -3.48 -0.37
C MET A 143 22.58 -2.90 0.86
N LYS A 144 22.10 -3.27 2.04
CA LYS A 144 22.68 -2.79 3.29
C LYS A 144 24.12 -3.28 3.44
N LEU A 145 24.35 -4.56 3.14
CA LEU A 145 25.69 -5.13 3.25
C LEU A 145 26.65 -4.49 2.25
N GLU A 146 26.16 -4.20 1.05
CA GLU A 146 26.99 -3.60 0.01
C GLU A 146 27.31 -2.13 0.26
N LEU A 147 26.35 -1.39 0.80
CA LEU A 147 26.55 0.03 1.05
C LEU A 147 27.11 0.32 2.44
N GLY A 148 26.99 -0.65 3.34
CA GLY A 148 27.49 -0.48 4.69
C GLY A 148 26.55 0.26 5.60
N SER A 149 25.32 0.46 5.14
CA SER A 149 24.31 1.16 5.94
C SER A 149 22.90 0.81 5.46
N GLU A 150 21.93 1.02 6.33
CA GLU A 150 20.53 0.74 6.02
C GLU A 150 20.01 1.65 4.92
N VAL A 151 19.15 1.10 4.08
CA VAL A 151 18.56 1.83 2.97
C VAL A 151 17.04 1.86 3.16
N PRO A 152 16.41 3.03 2.99
CA PRO A 152 14.96 3.16 3.14
C PRO A 152 14.23 2.23 2.18
N LEU A 153 13.57 1.22 2.74
CA LEU A 153 12.86 0.23 1.93
C LEU A 153 11.86 0.88 0.97
N LEU A 154 11.13 1.89 1.42
CA LEU A 154 10.15 2.56 0.58
C LEU A 154 10.79 3.26 -0.62
N SER A 155 11.99 3.82 -0.42
CA SER A 155 12.68 4.49 -1.50
C SER A 155 13.06 3.47 -2.57
N VAL A 156 13.46 2.27 -2.15
CA VAL A 156 13.82 1.23 -3.10
C VAL A 156 12.55 0.82 -3.87
N PHE A 157 11.44 0.67 -3.15
CA PHE A 157 10.18 0.30 -3.77
C PHE A 157 9.77 1.32 -4.83
N ARG A 158 9.79 2.61 -4.46
CA ARG A 158 9.41 3.65 -5.41
C ARG A 158 10.31 3.62 -6.65
N SER A 159 11.61 3.45 -6.44
CA SER A 159 12.55 3.41 -7.55
C SER A 159 12.27 2.22 -8.47
N LEU A 160 12.11 1.03 -7.88
CA LEU A 160 11.89 -0.18 -8.67
C LEU A 160 10.59 -0.12 -9.47
N ILE A 161 9.51 0.29 -8.81
CA ILE A 161 8.22 0.39 -9.49
C ILE A 161 8.31 1.35 -10.68
N THR A 162 8.99 2.47 -10.50
CA THR A 162 9.12 3.42 -11.60
C THR A 162 9.89 2.81 -12.77
N ASN A 163 11.00 2.14 -12.48
CA ASN A 163 11.80 1.51 -13.52
C ASN A 163 11.00 0.43 -14.26
N LEU A 164 10.33 -0.43 -13.49
CA LEU A 164 9.55 -1.52 -14.08
C LEU A 164 8.42 -1.03 -14.96
N ASP A 165 7.74 0.03 -14.52
CA ASP A 165 6.63 0.55 -15.31
C ASP A 165 7.15 1.02 -16.67
N ARG A 166 8.28 1.74 -16.67
CA ARG A 166 8.85 2.23 -17.92
C ARG A 166 9.27 1.09 -18.82
N LEU A 167 9.98 0.12 -18.25
CA LEU A 167 10.42 -1.04 -19.00
C LEU A 167 9.24 -1.83 -19.58
N TYR A 168 8.18 -1.99 -18.80
CA TYR A 168 7.02 -2.75 -19.25
C TYR A 168 6.27 -2.09 -20.41
N LEU A 169 6.04 -0.78 -20.31
CA LEU A 169 5.35 -0.07 -21.38
C LEU A 169 6.13 -0.13 -22.68
N ASN A 170 7.45 -0.05 -22.59
CA ASN A 170 8.26 -0.10 -23.80
C ASN A 170 8.30 -1.51 -24.35
N PHE A 171 8.20 -2.52 -23.47
CA PHE A 171 8.22 -3.91 -23.88
C PHE A 171 6.97 -4.28 -24.69
N LEU A 172 5.83 -3.72 -24.30
CA LEU A 172 4.59 -4.00 -25.01
C LEU A 172 4.64 -3.56 -26.46
N LYS A 173 5.36 -2.47 -26.72
CA LYS A 173 5.47 -1.96 -28.09
C LYS A 173 6.71 -2.45 -28.83
N ASN A 174 7.84 -2.49 -28.10
CA ASN A 174 9.12 -2.90 -28.64
C ASN A 174 9.72 -4.03 -27.81
N PRO A 175 9.19 -5.25 -27.90
CA PRO A 175 9.64 -6.42 -27.14
C PRO A 175 11.12 -6.78 -27.25
N MET A 176 11.78 -6.34 -28.32
CA MET A 176 13.19 -6.65 -28.52
C MET A 176 14.16 -5.76 -27.73
N ASP A 177 13.72 -4.55 -27.41
CA ASP A 177 14.54 -3.58 -26.69
C ASP A 177 15.13 -4.10 -25.39
N ILE A 178 14.34 -4.86 -24.64
CA ILE A 178 14.78 -5.39 -23.35
C ILE A 178 16.04 -6.25 -23.46
N LEU A 179 16.17 -6.98 -24.57
CA LEU A 179 17.33 -7.86 -24.75
C LEU A 179 18.65 -7.09 -24.77
N ASN A 180 18.65 -5.90 -25.36
CA ASN A 180 19.85 -5.09 -25.41
C ASN A 180 20.24 -4.65 -23.99
N LEU A 181 19.25 -4.30 -23.19
CA LEU A 181 19.51 -3.88 -21.82
C LEU A 181 20.06 -5.04 -20.99
N VAL A 182 19.55 -6.24 -21.26
CA VAL A 182 20.00 -7.43 -20.53
C VAL A 182 21.46 -7.68 -20.90
N ARG A 183 21.73 -7.67 -22.20
CA ARG A 183 23.06 -7.91 -22.73
C ARG A 183 24.11 -6.97 -22.12
N ASP A 184 23.74 -5.71 -21.96
CA ASP A 184 24.66 -4.72 -21.40
C ASP A 184 24.88 -4.86 -19.89
N ASN A 185 24.00 -5.60 -19.22
CA ASN A 185 24.10 -5.76 -17.77
C ASN A 185 24.26 -7.20 -17.31
N MET A 186 24.58 -8.10 -18.24
CA MET A 186 24.71 -9.52 -17.89
C MET A 186 26.16 -9.96 -17.75
N ILE A 187 26.39 -10.93 -16.87
CA ILE A 187 27.73 -11.46 -16.66
C ILE A 187 28.02 -12.37 -17.84
N LEU A 188 29.01 -11.99 -18.64
CA LEU A 188 29.38 -12.79 -19.81
C LEU A 188 30.90 -12.89 -19.93
N GLY A 189 31.35 -13.71 -20.87
CA GLY A 189 32.77 -13.87 -21.08
C GLY A 189 33.49 -14.72 -20.06
N VAL A 190 32.73 -15.48 -19.27
CA VAL A 190 33.32 -16.35 -18.25
C VAL A 190 32.79 -17.76 -18.41
N ARG A 191 33.49 -18.72 -17.82
CA ARG A 191 33.10 -20.12 -17.92
C ARG A 191 31.94 -20.41 -16.99
N VAL A 192 31.00 -21.22 -17.46
CA VAL A 192 29.84 -21.58 -16.65
C VAL A 192 29.47 -23.04 -16.89
N LYS A 193 28.71 -23.62 -15.96
CA LYS A 193 28.25 -24.99 -16.10
C LYS A 193 26.74 -24.92 -16.17
N ILE A 194 26.17 -25.61 -17.17
CA ILE A 194 24.72 -25.62 -17.32
C ILE A 194 24.19 -26.95 -16.81
N LEU A 195 23.36 -26.86 -15.77
CA LEU A 195 22.78 -28.04 -15.14
C LEU A 195 21.31 -28.24 -15.49
N GLY A 196 21.04 -29.34 -16.18
CA GLY A 196 19.67 -29.67 -16.57
C GLY A 196 19.65 -31.18 -16.74
N ASP A 197 19.28 -31.64 -17.91
CA ASP A 197 19.27 -33.07 -18.18
C ASP A 197 20.74 -33.39 -18.41
N GLY A 198 21.48 -33.52 -17.31
CA GLY A 198 22.90 -33.77 -17.40
C GLY A 198 23.57 -32.41 -17.24
N SER A 199 24.75 -32.24 -17.82
CA SER A 199 25.42 -30.94 -17.72
C SER A 199 26.52 -30.79 -18.76
N PHE A 200 26.91 -29.55 -19.01
CA PHE A 200 27.97 -29.25 -19.95
C PHE A 200 28.55 -27.90 -19.54
N GLU A 201 29.81 -27.66 -19.91
CA GLU A 201 30.48 -26.42 -19.55
C GLU A 201 30.96 -25.69 -20.80
N GLY A 202 31.15 -24.38 -20.64
CA GLY A 202 31.62 -23.57 -21.73
C GLY A 202 31.61 -22.11 -21.35
N ILE A 203 31.99 -21.24 -22.28
CA ILE A 203 32.00 -19.82 -22.04
C ILE A 203 30.63 -19.23 -22.37
N ALA A 204 30.08 -18.44 -21.44
CA ALA A 204 28.80 -17.79 -21.68
C ALA A 204 29.14 -16.59 -22.55
N GLU A 205 28.87 -16.71 -23.84
CA GLU A 205 29.19 -15.69 -24.83
C GLU A 205 28.25 -14.51 -24.93
N ASP A 206 26.95 -14.77 -24.90
CA ASP A 206 25.97 -13.71 -25.05
C ASP A 206 24.58 -14.34 -25.02
N ILE A 207 23.54 -13.53 -25.21
CA ILE A 207 22.19 -14.06 -25.29
C ILE A 207 21.77 -13.71 -26.70
N ASP A 208 21.01 -14.60 -27.35
CA ASP A 208 20.58 -14.31 -28.71
C ASP A 208 19.29 -13.50 -28.77
N ASP A 209 18.73 -13.39 -29.96
CA ASP A 209 17.52 -12.61 -30.17
C ASP A 209 16.26 -13.19 -29.53
N PHE A 210 16.39 -14.35 -28.90
CA PHE A 210 15.26 -14.97 -28.21
C PHE A 210 15.51 -15.02 -26.71
N GLY A 211 16.68 -14.51 -26.31
CA GLY A 211 17.03 -14.52 -24.90
C GLY A 211 17.74 -15.79 -24.47
N ARG A 212 18.08 -16.64 -25.44
CA ARG A 212 18.77 -17.89 -25.15
C ARG A 212 20.23 -17.60 -24.83
N LEU A 213 20.77 -18.29 -23.83
CA LEU A 213 22.17 -18.09 -23.46
C LEU A 213 23.01 -18.89 -24.45
N ILE A 214 23.99 -18.21 -25.04
CA ILE A 214 24.87 -18.86 -26.02
C ILE A 214 26.14 -19.30 -25.32
N ILE A 215 26.38 -20.61 -25.34
CA ILE A 215 27.55 -21.19 -24.68
C ILE A 215 28.48 -21.84 -25.70
N ARG A 216 29.77 -21.51 -25.62
CA ARG A 216 30.77 -22.10 -26.51
C ARG A 216 31.54 -23.15 -25.70
N LEU A 217 31.36 -24.42 -26.04
CA LEU A 217 32.05 -25.50 -25.35
C LEU A 217 33.49 -25.54 -25.86
N ASP A 218 34.40 -26.11 -25.08
CA ASP A 218 35.81 -26.16 -25.46
C ASP A 218 36.07 -26.79 -26.82
N SER A 219 35.17 -27.68 -27.24
CA SER A 219 35.31 -28.35 -28.53
C SER A 219 34.99 -27.39 -29.67
N GLY A 220 34.35 -26.27 -29.33
CA GLY A 220 33.97 -25.30 -30.34
C GLY A 220 32.48 -25.35 -30.60
N GLU A 221 31.85 -26.42 -30.13
CA GLU A 221 30.41 -26.58 -30.30
C GLU A 221 29.68 -25.42 -29.62
N VAL A 222 28.60 -24.97 -30.24
CA VAL A 222 27.81 -23.89 -29.69
C VAL A 222 26.44 -24.45 -29.28
N LYS A 223 26.05 -24.18 -28.05
CA LYS A 223 24.75 -24.64 -27.56
C LYS A 223 23.96 -23.42 -27.14
N LYS A 224 22.64 -23.49 -27.30
CA LYS A 224 21.76 -22.38 -26.94
C LYS A 224 20.85 -22.89 -25.83
N VAL A 225 20.93 -22.25 -24.67
CA VAL A 225 20.13 -22.64 -23.52
C VAL A 225 18.85 -21.83 -23.43
N ILE A 226 17.72 -22.53 -23.37
CA ILE A 226 16.44 -21.84 -23.27
C ILE A 226 15.98 -21.81 -21.82
N TYR A 227 15.20 -20.77 -21.50
CA TYR A 227 14.67 -20.58 -20.16
C TYR A 227 13.86 -21.82 -19.78
N GLY A 228 14.11 -22.35 -18.59
CA GLY A 228 13.38 -23.53 -18.13
C GLY A 228 13.99 -24.16 -16.90
N ASP A 229 13.81 -25.47 -16.77
CA ASP A 229 14.35 -26.19 -15.64
C ASP A 229 15.84 -26.41 -15.81
N VAL A 230 16.60 -25.32 -15.70
CA VAL A 230 18.05 -25.39 -15.85
C VAL A 230 18.69 -24.45 -14.84
N SER A 231 19.84 -24.86 -14.31
CA SER A 231 20.56 -24.04 -13.34
C SER A 231 21.92 -23.71 -13.94
N LEU A 232 22.43 -22.52 -13.62
CA LEU A 232 23.72 -22.10 -14.13
C LEU A 232 24.67 -21.90 -12.98
N ARG A 233 25.85 -22.48 -13.09
CA ARG A 233 26.85 -22.33 -12.05
C ARG A 233 28.12 -21.80 -12.67
N PHE A 234 28.72 -20.82 -12.01
CA PHE A 234 29.96 -20.25 -12.49
C PHE A 234 31.11 -21.13 -12.00
N LEU A 235 32.13 -21.29 -12.83
CA LEU A 235 33.27 -22.10 -12.44
C LEU A 235 34.33 -21.18 -11.84
N MET B 1 6.40 -3.72 2.68
CA MET B 1 7.56 -2.80 2.69
C MET B 1 7.27 -1.59 3.56
N LEU B 2 6.04 -1.48 4.02
CA LEU B 2 5.63 -0.36 4.88
C LEU B 2 6.02 -0.58 6.33
N GLY B 3 6.23 -1.83 6.70
CA GLY B 3 6.64 -2.16 8.06
C GLY B 3 5.68 -1.72 9.16
N LEU B 4 4.37 -1.84 8.92
CA LEU B 4 3.40 -1.45 9.94
C LEU B 4 3.45 -2.45 11.08
N LYS B 5 3.36 -1.95 12.30
CA LYS B 5 3.44 -2.79 13.51
C LYS B 5 2.12 -2.91 14.26
N THR B 6 1.04 -2.47 13.63
CA THR B 6 -0.28 -2.53 14.25
C THR B 6 -0.77 -3.96 14.37
N SER B 7 -1.70 -4.19 15.28
CA SER B 7 -2.26 -5.51 15.54
C SER B 7 -3.40 -5.93 14.61
N ILE B 8 -4.37 -5.03 14.39
CA ILE B 8 -5.50 -5.34 13.52
C ILE B 8 -5.62 -4.39 12.34
N ILE B 9 -5.78 -3.10 12.63
CA ILE B 9 -5.92 -2.10 11.57
C ILE B 9 -4.58 -1.87 10.88
N GLY B 10 -4.53 -2.25 9.60
CA GLY B 10 -3.30 -2.08 8.86
C GLY B 10 -2.58 -3.38 8.58
N ARG B 11 -3.19 -4.50 8.94
CA ARG B 11 -2.58 -5.81 8.67
C ARG B 11 -2.43 -5.94 7.16
N ARG B 12 -3.35 -5.29 6.44
CA ARG B 12 -3.34 -5.26 4.98
C ARG B 12 -3.79 -3.87 4.57
N VAL B 13 -3.17 -3.35 3.51
CA VAL B 13 -3.49 -2.03 2.98
C VAL B 13 -3.59 -2.12 1.46
N ILE B 14 -4.70 -1.64 0.92
CA ILE B 14 -4.88 -1.65 -0.53
C ILE B 14 -4.85 -0.19 -0.96
N TYR B 15 -3.81 0.16 -1.72
CA TYR B 15 -3.61 1.52 -2.22
C TYR B 15 -4.04 1.70 -3.68
N PHE B 16 -4.71 2.86 -3.91
CA PHE B 16 -5.15 3.20 -5.27
C PHE B 16 -4.60 4.56 -5.69
N GLN B 17 -4.08 4.63 -6.93
CA GLN B 17 -3.76 5.94 -7.50
C GLN B 17 -5.03 6.78 -7.60
N GLU B 18 -6.09 6.11 -8.06
CA GLU B 18 -7.39 6.76 -8.18
C GLU B 18 -8.53 5.77 -7.91
N ILE B 19 -9.56 6.28 -7.21
CA ILE B 19 -10.72 5.45 -6.92
C ILE B 19 -12.00 6.30 -6.91
N THR B 20 -13.15 5.66 -7.09
CA THR B 20 -14.40 6.41 -7.04
C THR B 20 -14.63 6.77 -5.58
N SER B 21 -14.61 5.76 -4.73
CA SER B 21 -14.82 5.94 -3.30
C SER B 21 -14.18 4.81 -2.51
N THR B 22 -13.40 5.14 -1.48
CA THR B 22 -12.78 4.11 -0.67
C THR B 22 -13.85 3.36 0.13
N ASN B 23 -14.88 4.06 0.57
CA ASN B 23 -15.95 3.41 1.32
C ASN B 23 -16.71 2.42 0.45
N GLU B 24 -17.04 2.80 -0.77
CA GLU B 24 -17.76 1.90 -1.66
C GLU B 24 -16.97 0.63 -1.96
N PHE B 25 -15.66 0.77 -2.19
CA PHE B 25 -14.84 -0.39 -2.46
C PHE B 25 -14.80 -1.30 -1.24
N ALA B 26 -14.64 -0.71 -0.06
CA ALA B 26 -14.59 -1.48 1.18
C ALA B 26 -15.91 -2.19 1.48
N LYS B 27 -17.01 -1.59 1.04
CA LYS B 27 -18.33 -2.15 1.26
C LYS B 27 -18.64 -3.32 0.32
N THR B 28 -18.26 -3.17 -0.94
CA THR B 28 -18.54 -4.18 -1.95
C THR B 28 -17.48 -5.26 -2.17
N SER B 29 -16.40 -5.23 -1.39
CA SER B 29 -15.35 -6.23 -1.57
C SER B 29 -15.13 -7.06 -0.31
N TYR B 30 -14.83 -8.35 -0.49
CA TYR B 30 -14.56 -9.17 0.68
C TYR B 30 -13.16 -8.84 1.15
N LEU B 31 -13.06 -8.31 2.37
CA LEU B 31 -11.77 -7.92 2.93
C LEU B 31 -11.68 -8.35 4.40
N GLU B 32 -10.53 -8.85 4.82
CA GLU B 32 -10.39 -9.27 6.21
C GLU B 32 -10.45 -8.06 7.12
N GLU B 33 -10.80 -8.29 8.38
CA GLU B 33 -10.89 -7.20 9.34
C GLU B 33 -9.56 -6.48 9.42
N GLY B 34 -9.61 -5.16 9.55
CA GLY B 34 -8.41 -4.36 9.65
C GLY B 34 -7.85 -3.88 8.32
N THR B 35 -8.40 -4.36 7.21
CA THR B 35 -7.91 -3.94 5.90
C THR B 35 -8.17 -2.46 5.70
N VAL B 36 -7.16 -1.75 5.25
CA VAL B 36 -7.28 -0.32 5.01
C VAL B 36 -7.27 -0.07 3.51
N ILE B 37 -8.26 0.69 3.03
CA ILE B 37 -8.35 1.06 1.63
C ILE B 37 -7.94 2.54 1.58
N VAL B 38 -6.94 2.86 0.78
CA VAL B 38 -6.49 4.25 0.71
C VAL B 38 -6.21 4.64 -0.74
N ALA B 39 -6.53 5.90 -1.09
CA ALA B 39 -6.32 6.38 -2.45
C ALA B 39 -5.77 7.80 -2.52
N ASP B 40 -5.02 8.08 -3.58
CA ASP B 40 -4.47 9.41 -3.75
C ASP B 40 -5.60 10.41 -3.97
N LYS B 41 -6.63 9.94 -4.67
CA LYS B 41 -7.77 10.79 -4.94
C LYS B 41 -9.03 9.95 -5.11
N GLN B 42 -10.17 10.53 -4.73
CA GLN B 42 -11.46 9.88 -4.87
C GLN B 42 -12.20 10.76 -5.88
N THR B 43 -12.90 10.14 -6.82
CA THR B 43 -13.64 10.92 -7.81
C THR B 43 -15.12 11.04 -7.44
N MET B 44 -15.58 10.17 -6.54
CA MET B 44 -16.98 10.18 -6.11
C MET B 44 -17.14 10.06 -4.58
N GLY B 45 -16.30 10.76 -3.84
CA GLY B 45 -16.39 10.71 -2.39
C GLY B 45 -17.50 11.61 -1.86
N HIS B 46 -18.00 11.29 -0.67
CA HIS B 46 -19.04 12.10 -0.06
C HIS B 46 -18.99 12.00 1.46
N GLY B 47 -19.66 12.93 2.13
CA GLY B 47 -19.67 12.94 3.58
C GLY B 47 -20.85 12.28 4.24
N ARG B 48 -20.89 12.36 5.56
CA ARG B 48 -21.94 11.77 6.38
C ARG B 48 -23.37 12.05 5.92
N LEU B 49 -23.60 13.27 5.43
CA LEU B 49 -24.93 13.66 4.98
C LEU B 49 -25.13 13.54 3.47
N ASN B 50 -24.33 12.68 2.84
CA ASN B 50 -24.41 12.42 1.40
C ASN B 50 -23.99 13.54 0.47
N ARG B 51 -23.34 14.57 1.00
CA ARG B 51 -22.90 15.67 0.15
C ARG B 51 -21.49 15.41 -0.35
N LYS B 52 -21.25 15.75 -1.61
CA LYS B 52 -19.95 15.53 -2.22
C LYS B 52 -18.79 15.98 -1.36
N TRP B 53 -17.78 15.13 -1.28
CA TRP B 53 -16.58 15.42 -0.51
C TRP B 53 -15.41 15.57 -1.48
N GLU B 54 -14.77 16.74 -1.46
CA GLU B 54 -13.64 16.99 -2.34
C GLU B 54 -12.46 16.14 -1.86
N SER B 55 -11.97 15.28 -2.73
CA SER B 55 -10.85 14.40 -2.38
C SER B 55 -9.71 14.49 -3.39
N PRO B 56 -9.14 15.69 -3.56
CA PRO B 56 -8.04 15.87 -4.50
C PRO B 56 -6.71 15.34 -3.99
N GLU B 57 -5.74 15.27 -4.89
CA GLU B 57 -4.42 14.80 -4.54
C GLU B 57 -3.86 15.63 -3.38
N GLY B 58 -3.19 14.97 -2.44
CA GLY B 58 -2.62 15.67 -1.31
C GLY B 58 -3.27 15.37 0.03
N GLY B 59 -4.49 14.83 0.00
CA GLY B 59 -5.18 14.51 1.24
C GLY B 59 -5.09 13.03 1.61
N LEU B 60 -5.60 12.69 2.79
CA LEU B 60 -5.61 11.33 3.26
C LEU B 60 -7.04 10.82 3.19
N TRP B 61 -7.30 9.98 2.20
CA TRP B 61 -8.63 9.42 1.96
C TRP B 61 -8.58 7.91 2.17
N LEU B 62 -9.15 7.43 3.28
CA LEU B 62 -9.12 5.99 3.53
C LEU B 62 -10.38 5.47 4.18
N SER B 63 -10.50 4.14 4.17
CA SER B 63 -11.62 3.42 4.76
C SER B 63 -11.04 2.20 5.45
N ILE B 64 -11.63 1.81 6.58
CA ILE B 64 -11.14 0.66 7.31
C ILE B 64 -12.29 -0.33 7.53
N VAL B 65 -12.02 -1.60 7.25
CA VAL B 65 -13.02 -2.64 7.42
C VAL B 65 -12.96 -3.19 8.84
N LEU B 66 -14.08 -3.13 9.54
CA LEU B 66 -14.14 -3.61 10.92
C LEU B 66 -15.35 -4.51 11.14
N SER B 67 -15.21 -5.47 12.04
CA SER B 67 -16.30 -6.38 12.39
C SER B 67 -16.22 -6.58 13.89
N PRO B 68 -16.49 -5.50 14.66
CA PRO B 68 -16.46 -5.47 16.12
C PRO B 68 -17.36 -6.50 16.78
N LYS B 69 -16.75 -7.38 17.55
CA LYS B 69 -17.51 -8.40 18.26
C LYS B 69 -17.88 -7.84 19.63
N VAL B 70 -18.69 -6.79 19.62
CA VAL B 70 -19.15 -6.13 20.84
C VAL B 70 -20.66 -6.09 20.84
N PRO B 71 -21.27 -5.87 22.00
CA PRO B 71 -22.73 -5.80 22.10
C PRO B 71 -23.34 -4.84 21.06
N GLN B 72 -24.48 -5.22 20.51
CA GLN B 72 -25.18 -4.41 19.51
C GLN B 72 -25.29 -2.94 19.92
N LYS B 73 -25.50 -2.69 21.20
CA LYS B 73 -25.66 -1.33 21.73
C LYS B 73 -24.45 -0.44 21.46
N ASP B 74 -23.26 -1.04 21.48
CA ASP B 74 -22.01 -0.31 21.30
C ASP B 74 -21.60 -0.02 19.86
N LEU B 75 -22.05 -0.86 18.94
CA LEU B 75 -21.73 -0.72 17.52
C LEU B 75 -21.81 0.70 16.95
N PRO B 76 -22.78 1.52 17.39
CA PRO B 76 -22.92 2.89 16.89
C PRO B 76 -21.77 3.87 17.20
N LYS B 77 -20.90 3.50 18.13
CA LYS B 77 -19.80 4.38 18.52
C LYS B 77 -18.53 4.35 17.67
N ILE B 78 -18.54 3.60 16.58
CA ILE B 78 -17.38 3.51 15.70
C ILE B 78 -16.97 4.86 15.11
N VAL B 79 -17.95 5.68 14.75
CA VAL B 79 -17.64 6.99 14.17
C VAL B 79 -16.72 7.80 15.07
N PHE B 80 -16.95 7.70 16.38
CA PHE B 80 -16.15 8.45 17.34
C PHE B 80 -14.69 7.98 17.35
N LEU B 81 -14.46 6.71 17.05
CA LEU B 81 -13.10 6.20 17.03
C LEU B 81 -12.33 6.96 15.95
N GLY B 82 -12.95 7.16 14.80
CA GLY B 82 -12.29 7.86 13.73
C GLY B 82 -11.98 9.31 14.07
N ALA B 83 -12.96 10.00 14.65
CA ALA B 83 -12.76 11.40 15.01
C ALA B 83 -11.67 11.56 16.08
N VAL B 84 -11.69 10.69 17.09
CA VAL B 84 -10.69 10.76 18.15
C VAL B 84 -9.30 10.42 17.60
N GLY B 85 -9.23 9.43 16.72
CA GLY B 85 -7.95 9.05 16.14
C GLY B 85 -7.35 10.23 15.39
N VAL B 86 -8.18 10.95 14.65
CA VAL B 86 -7.72 12.11 13.90
C VAL B 86 -7.22 13.19 14.87
N VAL B 87 -7.97 13.42 15.95
CA VAL B 87 -7.56 14.44 16.92
C VAL B 87 -6.20 14.10 17.52
N GLU B 88 -5.96 12.81 17.81
CA GLU B 88 -4.70 12.39 18.40
C GLU B 88 -3.55 12.59 17.42
N THR B 89 -3.79 12.29 16.15
CA THR B 89 -2.75 12.46 15.13
C THR B 89 -2.45 13.94 14.94
N LEU B 90 -3.49 14.78 14.90
CA LEU B 90 -3.31 16.20 14.73
C LEU B 90 -2.44 16.77 15.85
N LYS B 91 -2.69 16.33 17.08
CA LYS B 91 -1.91 16.81 18.22
C LYS B 91 -0.44 16.50 18.05
N GLU B 92 -0.15 15.31 17.51
CA GLU B 92 1.22 14.87 17.28
C GLU B 92 1.96 15.83 16.35
N PHE B 93 1.21 16.49 15.48
CA PHE B 93 1.79 17.44 14.54
C PHE B 93 1.60 18.87 15.02
N SER B 94 1.25 19.02 16.30
CA SER B 94 1.06 20.32 16.91
C SER B 94 -0.13 21.11 16.40
N ILE B 95 -1.21 20.40 16.09
CA ILE B 95 -2.44 21.03 15.62
C ILE B 95 -3.52 20.67 16.63
N ASP B 96 -4.27 21.67 17.07
CA ASP B 96 -5.32 21.44 18.05
C ASP B 96 -6.67 21.26 17.36
N GLY B 97 -7.05 20.01 17.14
CA GLY B 97 -8.33 19.73 16.51
C GLY B 97 -9.39 19.45 17.56
N ARG B 98 -10.61 19.88 17.29
CA ARG B 98 -11.73 19.67 18.21
C ARG B 98 -12.87 19.03 17.44
N ILE B 99 -13.58 18.12 18.09
CA ILE B 99 -14.68 17.41 17.44
C ILE B 99 -16.00 18.17 17.41
N LYS B 100 -16.57 18.29 16.20
CA LYS B 100 -17.87 18.88 16.03
C LYS B 100 -18.76 17.66 15.95
N TRP B 101 -19.60 17.44 16.96
CA TRP B 101 -20.47 16.28 17.01
C TRP B 101 -21.20 16.11 15.67
N PRO B 102 -21.27 14.87 15.17
CA PRO B 102 -20.70 13.66 15.78
C PRO B 102 -19.45 13.13 15.10
N ASN B 103 -19.18 13.59 13.90
CA ASN B 103 -18.08 13.05 13.13
C ASN B 103 -17.03 13.97 12.54
N ASP B 104 -17.18 15.28 12.72
CA ASP B 104 -16.22 16.20 12.13
C ASP B 104 -15.13 16.68 13.08
N VAL B 105 -13.99 17.04 12.51
CA VAL B 105 -12.89 17.56 13.30
C VAL B 105 -12.58 18.94 12.76
N LEU B 106 -12.64 19.94 13.63
CA LEU B 106 -12.37 21.32 13.22
C LEU B 106 -11.12 21.86 13.89
N VAL B 107 -10.54 22.87 13.27
CA VAL B 107 -9.37 23.54 13.80
C VAL B 107 -9.75 25.01 13.69
N ASN B 108 -9.94 25.66 14.84
CA ASN B 108 -10.35 27.06 14.87
C ASN B 108 -11.67 27.19 14.11
N TYR B 109 -12.53 26.18 14.27
CA TYR B 109 -13.84 26.14 13.64
C TYR B 109 -13.88 25.89 12.13
N LYS B 110 -12.75 25.50 11.55
CA LYS B 110 -12.66 25.20 10.12
C LYS B 110 -12.51 23.68 10.01
N LYS B 111 -13.35 23.06 9.19
CA LYS B 111 -13.30 21.60 9.03
C LYS B 111 -12.01 21.12 8.39
N ILE B 112 -11.31 20.23 9.09
CA ILE B 112 -10.06 19.67 8.60
C ILE B 112 -10.22 18.19 8.29
N ALA B 113 -11.28 17.58 8.80
CA ALA B 113 -11.52 16.16 8.56
C ALA B 113 -12.96 15.76 8.78
N GLY B 114 -13.39 14.74 8.04
CA GLY B 114 -14.74 14.23 8.16
C GLY B 114 -14.69 12.71 8.26
N VAL B 115 -15.64 12.13 8.99
CA VAL B 115 -15.71 10.70 9.18
C VAL B 115 -17.03 10.17 8.66
N LEU B 116 -16.97 9.12 7.85
CA LEU B 116 -18.17 8.51 7.27
C LEU B 116 -18.21 7.02 7.59
N VAL B 117 -19.15 6.62 8.44
CA VAL B 117 -19.28 5.23 8.83
C VAL B 117 -20.50 4.57 8.23
N GLU B 118 -20.28 3.46 7.55
CA GLU B 118 -21.37 2.72 6.91
C GLU B 118 -21.28 1.24 7.24
N GLY B 119 -22.42 0.56 7.17
CA GLY B 119 -22.44 -0.85 7.47
C GLY B 119 -23.08 -1.68 6.38
N LYS B 120 -22.39 -2.75 5.97
CA LYS B 120 -22.92 -3.66 4.95
C LYS B 120 -22.72 -5.07 5.47
N GLY B 121 -23.83 -5.80 5.60
CA GLY B 121 -23.73 -7.15 6.11
C GLY B 121 -23.37 -7.00 7.57
N ASP B 122 -22.47 -7.85 8.06
CA ASP B 122 -22.08 -7.78 9.46
C ASP B 122 -20.74 -7.06 9.66
N LYS B 123 -20.33 -6.28 8.67
CA LYS B 123 -19.08 -5.54 8.79
C LYS B 123 -19.36 -4.04 8.75
N ILE B 124 -18.44 -3.28 9.32
CA ILE B 124 -18.58 -1.83 9.36
C ILE B 124 -17.40 -1.21 8.61
N VAL B 125 -17.69 -0.19 7.82
CA VAL B 125 -16.64 0.49 7.07
C VAL B 125 -16.47 1.89 7.65
N LEU B 126 -15.28 2.13 8.21
CA LEU B 126 -14.95 3.42 8.82
C LEU B 126 -14.19 4.28 7.82
N GLY B 127 -14.85 5.28 7.27
CA GLY B 127 -14.20 6.15 6.31
C GLY B 127 -13.72 7.43 6.94
N ILE B 128 -12.54 7.89 6.54
CA ILE B 128 -11.96 9.12 7.07
C ILE B 128 -11.35 9.95 5.95
N GLY B 129 -11.68 11.24 5.95
CA GLY B 129 -11.13 12.16 4.96
C GLY B 129 -10.42 13.25 5.74
N LEU B 130 -9.10 13.32 5.60
CA LEU B 130 -8.31 14.32 6.31
C LEU B 130 -7.55 15.21 5.35
N ASN B 131 -7.76 16.52 5.43
CA ASN B 131 -7.06 17.44 4.56
C ASN B 131 -5.62 17.62 5.02
N VAL B 132 -4.67 17.24 4.17
CA VAL B 132 -3.27 17.38 4.53
C VAL B 132 -2.60 18.44 3.66
N ASN B 133 -2.23 18.08 2.43
CA ASN B 133 -1.56 19.02 1.53
C ASN B 133 -2.44 19.47 0.36
N ASN B 134 -3.66 18.95 0.30
CA ASN B 134 -4.57 19.25 -0.80
C ASN B 134 -5.26 20.62 -0.64
N LYS B 135 -5.79 21.12 -1.77
CA LYS B 135 -6.52 22.38 -1.75
C LYS B 135 -7.84 22.04 -1.06
N VAL B 136 -8.41 22.99 -0.33
CA VAL B 136 -9.66 22.74 0.38
C VAL B 136 -10.76 23.72 0.05
N PRO B 137 -12.03 23.33 0.24
CA PRO B 137 -13.17 24.19 -0.06
C PRO B 137 -13.13 25.44 0.82
N ASN B 138 -13.79 26.50 0.37
CA ASN B 138 -13.83 27.75 1.13
C ASN B 138 -14.33 27.45 2.56
N GLY B 139 -13.68 28.07 3.54
CA GLY B 139 -14.10 27.85 4.93
C GLY B 139 -13.47 26.65 5.60
N ALA B 140 -12.90 25.74 4.82
CA ALA B 140 -12.27 24.55 5.36
C ALA B 140 -10.80 24.83 5.60
N THR B 141 -10.06 23.83 6.07
CA THR B 141 -8.64 24.00 6.32
C THR B 141 -7.90 22.67 6.15
N SER B 142 -6.57 22.71 6.26
CA SER B 142 -5.76 21.51 6.11
C SER B 142 -4.53 21.59 7.01
N MET B 143 -3.82 20.48 7.15
CA MET B 143 -2.62 20.45 7.96
C MET B 143 -1.57 21.40 7.38
N LYS B 144 -1.51 21.48 6.05
CA LYS B 144 -0.55 22.36 5.39
C LYS B 144 -0.88 23.83 5.67
N LEU B 145 -2.16 24.18 5.57
CA LEU B 145 -2.59 25.56 5.82
C LEU B 145 -2.38 25.96 7.28
N GLU B 146 -2.52 24.98 8.18
CA GLU B 146 -2.34 25.23 9.61
C GLU B 146 -0.88 25.35 10.02
N LEU B 147 -0.01 24.57 9.37
CA LEU B 147 1.41 24.58 9.69
C LEU B 147 2.25 25.42 8.73
N GLY B 148 1.63 25.90 7.67
CA GLY B 148 2.36 26.73 6.71
C GLY B 148 3.47 26.00 5.96
N SER B 149 3.29 24.72 5.71
CA SER B 149 4.29 23.93 5.00
C SER B 149 3.78 22.54 4.62
N GLU B 150 4.40 21.96 3.60
CA GLU B 150 4.03 20.62 3.13
C GLU B 150 4.23 19.62 4.27
N VAL B 151 3.27 18.72 4.43
CA VAL B 151 3.34 17.70 5.46
C VAL B 151 3.50 16.34 4.80
N PRO B 152 4.47 15.52 5.26
CA PRO B 152 4.71 14.19 4.70
C PRO B 152 3.45 13.34 4.83
N LEU B 153 2.74 13.14 3.72
CA LEU B 153 1.50 12.37 3.72
C LEU B 153 1.60 10.99 4.36
N LEU B 154 2.64 10.22 4.02
CA LEU B 154 2.76 8.89 4.60
C LEU B 154 2.99 8.93 6.11
N SER B 155 3.60 10.00 6.62
CA SER B 155 3.85 10.08 8.06
C SER B 155 2.50 10.25 8.77
N VAL B 156 1.59 10.98 8.13
CA VAL B 156 0.27 11.20 8.71
C VAL B 156 -0.48 9.87 8.69
N PHE B 157 -0.37 9.13 7.59
CA PHE B 157 -1.02 7.83 7.46
C PHE B 157 -0.56 6.90 8.58
N ARG B 158 0.76 6.79 8.76
CA ARG B 158 1.34 5.93 9.79
C ARG B 158 0.82 6.30 11.18
N SER B 159 0.81 7.60 11.46
CA SER B 159 0.35 8.10 12.76
C SER B 159 -1.11 7.75 13.02
N LEU B 160 -1.96 8.05 12.04
CA LEU B 160 -3.38 7.79 12.18
C LEU B 160 -3.71 6.30 12.34
N ILE B 161 -3.09 5.46 11.52
CA ILE B 161 -3.35 4.03 11.60
C ILE B 161 -2.92 3.47 12.96
N THR B 162 -1.81 3.98 13.48
CA THR B 162 -1.33 3.54 14.78
C THR B 162 -2.33 3.93 15.87
N ASN B 163 -2.80 5.17 15.83
CA ASN B 163 -3.76 5.65 16.81
C ASN B 163 -5.08 4.87 16.72
N LEU B 164 -5.56 4.65 15.49
CA LEU B 164 -6.82 3.92 15.31
C LEU B 164 -6.74 2.47 15.78
N ASP B 165 -5.61 1.82 15.51
CA ASP B 165 -5.44 0.44 15.94
C ASP B 165 -5.52 0.35 17.47
N ARG B 166 -4.85 1.28 18.16
CA ARG B 166 -4.86 1.30 19.62
C ARG B 166 -6.27 1.54 20.14
N LEU B 167 -6.94 2.55 19.59
CA LEU B 167 -8.30 2.88 20.01
C LEU B 167 -9.26 1.72 19.76
N TYR B 168 -9.11 1.05 18.62
CA TYR B 168 -10.00 -0.07 18.29
C TYR B 168 -9.80 -1.27 19.21
N LEU B 169 -8.56 -1.63 19.48
CA LEU B 169 -8.29 -2.76 20.36
C LEU B 169 -8.88 -2.50 21.75
N ASN B 170 -8.80 -1.27 22.22
CA ASN B 170 -9.37 -1.00 23.54
C ASN B 170 -10.88 -1.01 23.47
N PHE B 171 -11.43 -0.50 22.37
CA PHE B 171 -12.88 -0.47 22.19
C PHE B 171 -13.47 -1.86 22.29
N LEU B 172 -12.76 -2.85 21.76
CA LEU B 172 -13.25 -4.24 21.79
C LEU B 172 -13.39 -4.75 23.21
N LYS B 173 -12.60 -4.21 24.13
CA LYS B 173 -12.66 -4.66 25.51
C LYS B 173 -13.40 -3.71 26.43
N ASN B 174 -13.23 -2.41 26.21
CA ASN B 174 -13.85 -1.37 27.01
C ASN B 174 -14.55 -0.37 26.10
N PRO B 175 -15.65 -0.78 25.45
CA PRO B 175 -16.38 0.08 24.52
C PRO B 175 -16.94 1.41 25.03
N MET B 176 -16.99 1.60 26.35
CA MET B 176 -17.50 2.85 26.88
C MET B 176 -16.41 3.92 26.96
N ASP B 177 -15.15 3.49 26.95
CA ASP B 177 -14.03 4.43 27.05
C ASP B 177 -14.01 5.54 25.99
N ILE B 178 -14.37 5.20 24.76
CA ILE B 178 -14.32 6.18 23.68
C ILE B 178 -15.17 7.43 23.93
N LEU B 179 -16.30 7.26 24.61
CA LEU B 179 -17.18 8.40 24.88
C LEU B 179 -16.48 9.48 25.69
N ASN B 180 -15.70 9.05 26.68
CA ASN B 180 -14.98 9.98 27.51
C ASN B 180 -13.94 10.75 26.69
N LEU B 181 -13.30 10.06 25.74
CA LEU B 181 -12.30 10.72 24.91
C LEU B 181 -12.99 11.73 24.00
N VAL B 182 -14.17 11.37 23.52
CA VAL B 182 -14.94 12.26 22.66
C VAL B 182 -15.32 13.51 23.46
N ARG B 183 -15.88 13.32 24.65
CA ARG B 183 -16.26 14.46 25.48
C ARG B 183 -15.11 15.41 25.71
N ASP B 184 -13.97 14.86 26.08
CA ASP B 184 -12.81 15.69 26.35
C ASP B 184 -12.24 16.42 25.15
N ASN B 185 -12.66 16.03 23.95
CA ASN B 185 -12.17 16.65 22.73
C ASN B 185 -13.27 17.24 21.85
N MET B 186 -14.47 17.38 22.39
CA MET B 186 -15.58 17.91 21.61
C MET B 186 -15.96 19.35 21.99
N ILE B 187 -16.49 20.07 21.00
CA ILE B 187 -16.91 21.45 21.21
C ILE B 187 -18.24 21.45 21.95
N LEU B 188 -18.20 21.95 23.18
CA LEU B 188 -19.40 21.99 24.03
C LEU B 188 -19.55 23.34 24.71
N GLY B 189 -20.71 23.56 25.32
CA GLY B 189 -20.96 24.80 26.02
C GLY B 189 -21.24 25.98 25.11
N VAL B 190 -21.60 25.68 23.86
CA VAL B 190 -21.90 26.73 22.88
C VAL B 190 -23.26 26.50 22.27
N ARG B 191 -23.82 27.56 21.69
CA ARG B 191 -25.15 27.48 21.10
C ARG B 191 -25.12 26.83 19.72
N VAL B 192 -26.08 25.94 19.48
CA VAL B 192 -26.16 25.25 18.19
C VAL B 192 -27.60 25.16 17.72
N LYS B 193 -27.75 24.87 16.44
CA LYS B 193 -29.07 24.71 15.86
C LYS B 193 -29.12 23.40 15.09
N ILE B 194 -30.15 22.62 15.37
CA ILE B 194 -30.36 21.34 14.70
C ILE B 194 -31.28 21.67 13.54
N LEU B 195 -30.79 21.43 12.33
CA LEU B 195 -31.55 21.74 11.13
C LEU B 195 -32.52 20.63 10.71
N GLY B 196 -33.43 20.99 9.81
CA GLY B 196 -34.38 20.01 9.32
C GLY B 196 -35.75 20.05 9.97
N ASP B 197 -36.44 18.91 9.90
CA ASP B 197 -37.76 18.76 10.49
C ASP B 197 -37.71 18.95 12.01
N GLY B 198 -38.58 19.81 12.53
CA GLY B 198 -38.60 20.05 13.97
C GLY B 198 -37.36 20.77 14.46
N SER B 199 -36.79 21.61 13.61
CA SER B 199 -35.58 22.36 13.94
C SER B 199 -35.72 23.11 15.27
N PHE B 200 -34.62 23.18 16.02
CA PHE B 200 -34.61 23.87 17.30
C PHE B 200 -33.19 24.32 17.65
N GLU B 201 -33.07 25.22 18.62
CA GLU B 201 -31.76 25.73 19.04
C GLU B 201 -31.57 25.55 20.54
N GLY B 202 -30.32 25.57 20.96
CA GLY B 202 -30.02 25.42 22.38
C GLY B 202 -28.54 25.30 22.63
N ILE B 203 -28.17 25.06 23.89
CA ILE B 203 -26.76 24.91 24.22
C ILE B 203 -26.36 23.44 24.14
N ALA B 204 -25.27 23.15 23.43
CA ALA B 204 -24.76 21.79 23.32
C ALA B 204 -24.04 21.54 24.64
N GLU B 205 -24.71 20.82 25.54
CA GLU B 205 -24.19 20.56 26.88
C GLU B 205 -23.16 19.44 27.03
N ASP B 206 -23.42 18.31 26.40
CA ASP B 206 -22.54 17.16 26.52
C ASP B 206 -23.11 16.02 25.67
N ILE B 207 -22.50 14.85 25.73
CA ILE B 207 -23.02 13.69 25.02
C ILE B 207 -23.33 12.68 26.12
N ASP B 208 -24.39 11.91 25.96
CA ASP B 208 -24.71 10.95 27.01
C ASP B 208 -24.01 9.61 26.82
N ASP B 209 -24.45 8.61 27.58
CA ASP B 209 -23.84 7.28 27.53
C ASP B 209 -24.05 6.54 26.21
N PHE B 210 -24.86 7.11 25.33
CA PHE B 210 -25.09 6.51 24.00
C PHE B 210 -24.51 7.41 22.92
N GLY B 211 -23.81 8.45 23.34
CA GLY B 211 -23.22 9.38 22.39
C GLY B 211 -24.20 10.37 21.79
N ARG B 212 -25.40 10.46 22.37
CA ARG B 212 -26.39 11.41 21.88
C ARG B 212 -26.00 12.81 22.36
N LEU B 213 -26.20 13.81 21.51
CA LEU B 213 -25.86 15.18 21.90
C LEU B 213 -27.00 15.69 22.78
N ILE B 214 -26.63 16.19 23.95
CA ILE B 214 -27.62 16.72 24.89
C ILE B 214 -27.70 18.23 24.70
N ILE B 215 -28.89 18.70 24.30
CA ILE B 215 -29.09 20.11 24.06
C ILE B 215 -30.09 20.72 25.04
N ARG B 216 -29.73 21.86 25.62
CA ARG B 216 -30.64 22.54 26.54
C ARG B 216 -31.24 23.72 25.80
N LEU B 217 -32.55 23.65 25.54
CA LEU B 217 -33.25 24.72 24.84
C LEU B 217 -33.45 25.85 25.84
N ASP B 218 -33.69 27.06 25.33
CA ASP B 218 -33.88 28.21 26.22
C ASP B 218 -35.05 28.06 27.17
N SER B 219 -36.02 27.24 26.79
CA SER B 219 -37.19 27.00 27.63
C SER B 219 -36.83 26.12 28.81
N GLY B 220 -35.66 25.48 28.72
CA GLY B 220 -35.23 24.58 29.78
C GLY B 220 -35.41 23.14 29.32
N GLU B 221 -36.15 22.95 28.23
CA GLU B 221 -36.37 21.60 27.71
C GLU B 221 -35.04 20.97 27.33
N VAL B 222 -34.93 19.67 27.57
CA VAL B 222 -33.72 18.95 27.22
C VAL B 222 -34.04 17.95 26.12
N LYS B 223 -33.29 18.06 25.01
CA LYS B 223 -33.49 17.15 23.90
C LYS B 223 -32.20 16.36 23.67
N LYS B 224 -32.36 15.12 23.24
CA LYS B 224 -31.24 14.24 22.97
C LYS B 224 -31.22 13.97 21.48
N VAL B 225 -30.17 14.43 20.82
CA VAL B 225 -30.04 14.25 19.37
C VAL B 225 -29.29 12.98 19.03
N ILE B 226 -29.91 12.15 18.20
CA ILE B 226 -29.32 10.89 17.79
C ILE B 226 -28.47 11.08 16.55
N TYR B 227 -27.46 10.22 16.41
CA TYR B 227 -26.57 10.24 15.28
C TYR B 227 -27.37 9.81 14.06
N GLY B 228 -27.03 10.36 12.89
CA GLY B 228 -27.75 10.01 11.68
C GLY B 228 -27.84 11.18 10.72
N ASP B 229 -28.94 11.25 9.98
CA ASP B 229 -29.14 12.34 9.03
C ASP B 229 -29.42 13.63 9.79
N VAL B 230 -28.54 13.95 10.73
CA VAL B 230 -28.66 15.14 11.55
C VAL B 230 -27.64 16.21 11.13
N SER B 231 -28.14 17.43 10.93
CA SER B 231 -27.30 18.56 10.53
C SER B 231 -27.26 19.57 11.67
N LEU B 232 -26.06 19.96 12.08
CA LEU B 232 -25.89 20.92 13.18
C LEU B 232 -25.13 22.17 12.75
N ARG B 233 -25.53 23.31 13.29
CA ARG B 233 -24.89 24.59 12.98
C ARG B 233 -24.54 25.36 14.24
N PHE B 234 -23.33 25.92 14.28
CA PHE B 234 -22.90 26.70 15.42
C PHE B 234 -23.45 28.11 15.26
N LEU B 235 -24.08 28.63 16.31
CA LEU B 235 -24.65 29.98 16.26
C LEU B 235 -23.76 31.03 16.91
PB ADP C . 19.15 -21.56 -7.90
O1B ADP C . 19.48 -22.99 -7.65
O2B ADP C . 20.21 -20.61 -7.42
O3B ADP C . 18.73 -21.28 -9.40
PA ADP C . 16.45 -20.70 -7.19
O1A ADP C . 16.45 -19.85 -8.45
O2A ADP C . 15.44 -21.81 -7.15
O3A ADP C . 17.92 -21.25 -6.95
O5' ADP C . 16.33 -19.64 -6.02
C5' ADP C . 16.33 -20.11 -4.63
C4' ADP C . 17.74 -20.33 -4.06
O4' ADP C . 18.29 -19.02 -3.76
C3' ADP C . 17.81 -21.10 -2.74
O3' ADP C . 17.99 -22.50 -3.05
C2' ADP C . 18.98 -20.41 -1.99
O2' ADP C . 20.25 -21.05 -2.22
C1' ADP C . 19.02 -18.98 -2.55
N9 ADP C . 18.32 -17.96 -1.67
C8 ADP C . 17.28 -18.16 -0.80
N7 ADP C . 16.88 -17.05 -0.19
C5 ADP C . 17.70 -16.09 -0.68
C6 ADP C . 17.76 -14.67 -0.42
N6 ADP C . 17.01 -14.01 0.39
N1 ADP C . 18.75 -14.01 -1.14
C2 ADP C . 19.61 -14.65 -2.04
N3 ADP C . 19.55 -15.95 -2.30
C4 ADP C . 18.60 -16.63 -1.60
C1 GOL D . 12.58 -15.16 -6.12
O1 GOL D . 12.72 -15.05 -7.50
C2 GOL D . 11.17 -14.78 -5.73
O2 GOL D . 10.81 -13.56 -6.35
C3 GOL D . 11.13 -14.65 -4.21
O3 GOL D . 9.85 -14.16 -3.88
PB ADP E . -22.17 18.71 6.43
O1B ADP E . -22.89 18.56 7.72
O2B ADP E . -22.76 19.76 5.52
O3B ADP E . -20.62 18.92 6.67
PA ADP E . -21.38 16.17 5.21
O1A ADP E . -20.74 15.57 6.44
O2A ADP E . -22.08 15.20 4.30
O3A ADP E . -22.38 17.30 5.68
O5' ADP E . -20.17 16.98 4.53
C5' ADP E . -20.38 17.70 3.28
C4' ADP E . -19.87 19.15 3.28
O4' ADP E . -18.48 19.17 3.75
C3' ADP E . -19.81 19.84 1.92
O3' ADP E . -21.11 20.40 1.65
C2' ADP E . -18.66 20.86 2.12
O2' ADP E . -19.11 22.12 2.66
C1' ADP E . -17.71 20.18 3.11
N9 ADP E . -16.49 19.54 2.45
C8 ADP E . -16.42 18.84 1.27
N7 ADP E . -15.18 18.40 0.98
C5 ADP E . -14.43 18.84 2.02
C6 ADP E . -13.01 18.70 2.31
N6 ADP E . -12.14 18.10 1.58
N1 ADP E . -12.61 19.31 3.50
C2 ADP E . -13.49 19.99 4.34
N3 ADP E . -14.80 20.12 4.09
C4 ADP E . -15.22 19.54 2.94
C1 GOL F . -15.41 12.06 4.82
O1 GOL F . -16.49 11.81 5.68
C2 GOL F . -15.25 10.89 3.87
O2 GOL F . -14.89 9.73 4.61
C3 GOL F . -14.15 11.25 2.87
O3 GOL F . -14.08 10.19 1.95
#